data_8FK2
#
_entry.id   8FK2
#
_cell.length_a   53.032
_cell.length_b   53.032
_cell.length_c   196.290
_cell.angle_alpha   90.000
_cell.angle_beta   90.000
_cell.angle_gamma   120.000
#
_symmetry.space_group_name_H-M   'P 65'
#
loop_
_entity.id
_entity.type
_entity.pdbx_description
1 polymer 'Putative response regulator CovR VicR-like protein'
2 water water
#
_entity_poly.entity_id   1
_entity_poly.type   'polypeptide(L)'
_entity_poly.pdbx_seq_one_letter_code
;MKKILIVDDEKPISDIIKFNLAKEGYDTITAFDGREALSKYEEENPDLIILDLMLPELDGLEVAKEVRKNSHVPIIMLSA
KDSEFDKVIGLEIGADDYVTKPFSNRELLARVKAHLRRTEN
;
_entity_poly.pdbx_strand_id   A,B
#
# COMPACT_ATOMS: atom_id res chain seq x y z
N MET A 1 18.74 -10.89 -7.17
CA MET A 1 18.03 -10.37 -6.01
C MET A 1 17.42 -9.00 -6.28
N LYS A 2 16.38 -8.67 -5.51
CA LYS A 2 15.76 -7.36 -5.61
C LYS A 2 16.53 -6.33 -4.79
N LYS A 3 16.65 -5.13 -5.34
CA LYS A 3 17.48 -4.09 -4.74
C LYS A 3 16.57 -3.00 -4.17
N ILE A 4 16.71 -2.74 -2.87
CA ILE A 4 15.93 -1.73 -2.17
C ILE A 4 16.82 -0.52 -1.93
N LEU A 5 16.34 0.65 -2.33
CA LEU A 5 16.98 1.92 -1.98
C LEU A 5 16.33 2.47 -0.72
N ILE A 6 17.13 2.62 0.32
CA ILE A 6 16.69 3.07 1.64
C ILE A 6 17.20 4.49 1.80
N VAL A 7 16.29 5.47 1.81
CA VAL A 7 16.72 6.84 1.97
C VAL A 7 16.10 7.39 3.25
N ASP A 8 16.95 7.74 4.20
CA ASP A 8 16.60 8.29 5.51
C ASP A 8 17.81 9.04 6.02
N ASP A 9 17.59 10.20 6.64
CA ASP A 9 18.72 10.95 7.19
C ASP A 9 19.29 10.32 8.46
N GLU A 10 18.43 9.71 9.28
CA GLU A 10 18.88 9.17 10.56
C GLU A 10 19.47 7.79 10.34
N LYS A 11 20.78 7.67 10.56
CA LYS A 11 21.47 6.42 10.27
C LYS A 11 20.97 5.24 11.12
N PRO A 12 20.62 5.40 12.40
CA PRO A 12 20.11 4.22 13.14
C PRO A 12 18.84 3.62 12.56
N ILE A 13 17.93 4.46 12.06
CA ILE A 13 16.76 3.94 11.36
C ILE A 13 17.18 3.22 10.08
N SER A 14 18.08 3.85 9.32
CA SER A 14 18.51 3.26 8.05
C SER A 14 19.18 1.90 8.27
N ASP A 15 19.97 1.78 9.35
CA ASP A 15 20.63 0.50 9.63
C ASP A 15 19.62 -0.60 9.99
N ILE A 16 18.55 -0.25 10.71
CA ILE A 16 17.60 -1.29 11.08
C ILE A 16 16.85 -1.79 9.86
N ILE A 17 16.48 -0.87 8.97
CA ILE A 17 15.84 -1.27 7.72
C ILE A 17 16.80 -2.09 6.87
N LYS A 18 18.04 -1.62 6.74
CA LYS A 18 19.05 -2.33 5.95
C LYS A 18 19.27 -3.74 6.48
N PHE A 19 19.38 -3.86 7.81
CA PHE A 19 19.65 -5.15 8.43
C PHE A 19 18.48 -6.11 8.22
N ASN A 20 17.26 -5.63 8.39
CA ASN A 20 16.12 -6.51 8.22
C ASN A 20 15.95 -6.90 6.75
N LEU A 21 16.15 -5.96 5.83
CA LEU A 21 16.04 -6.31 4.42
C LEU A 21 17.14 -7.26 3.99
N ALA A 22 18.35 -7.09 4.55
CA ALA A 22 19.43 -8.00 4.20
C ALA A 22 19.11 -9.42 4.68
N LYS A 23 18.57 -9.54 5.90
CA LYS A 23 18.12 -10.84 6.41
C LYS A 23 17.18 -11.54 5.46
N GLU A 24 16.31 -10.79 4.80
CA GLU A 24 15.33 -11.38 3.91
C GLU A 24 15.89 -11.70 2.54
N GLY A 25 17.17 -11.43 2.29
CA GLY A 25 17.72 -11.68 0.98
C GLY A 25 17.51 -10.57 -0.03
N TYR A 26 17.36 -9.33 0.44
CA TYR A 26 17.35 -8.20 -0.47
C TYR A 26 18.75 -7.60 -0.54
N ASP A 27 19.11 -7.12 -1.72
CA ASP A 27 20.22 -6.18 -1.82
C ASP A 27 19.74 -4.80 -1.38
N THR A 28 20.63 -4.04 -0.73
CA THR A 28 20.26 -2.75 -0.18
C THR A 28 21.33 -1.72 -0.50
N ILE A 29 20.88 -0.54 -0.91
CA ILE A 29 21.72 0.63 -1.03
C ILE A 29 21.07 1.76 -0.25
N THR A 30 21.88 2.68 0.21
CA THR A 30 21.41 3.73 1.10
C THR A 30 21.71 5.10 0.52
N ALA A 31 20.88 6.04 0.90
CA ALA A 31 21.10 7.44 0.62
C ALA A 31 20.63 8.18 1.85
N PHE A 32 21.32 9.24 2.19
CA PHE A 32 21.01 10.01 3.38
C PHE A 32 20.53 11.42 3.06
N ASP A 33 20.36 11.77 1.80
CA ASP A 33 19.77 13.05 1.46
C ASP A 33 18.97 12.90 0.18
N GLY A 34 18.15 13.92 -0.08
CA GLY A 34 17.31 13.89 -1.25
C GLY A 34 18.10 13.86 -2.55
N ARG A 35 19.11 14.73 -2.65
CA ARG A 35 19.98 14.74 -3.83
C ARG A 35 20.71 13.42 -3.99
N GLU A 36 21.30 12.91 -2.91
CA GLU A 36 21.97 11.61 -2.97
C GLU A 36 20.99 10.51 -3.35
N ALA A 37 19.76 10.60 -2.85
CA ALA A 37 18.74 9.63 -3.21
C ALA A 37 18.53 9.58 -4.72
N LEU A 38 18.45 10.76 -5.35
CA LEU A 38 18.10 10.81 -6.77
C LEU A 38 19.24 10.31 -7.65
N SER A 39 20.49 10.60 -7.27
CA SER A 39 21.60 10.06 -8.03
C SER A 39 21.73 8.55 -7.82
N LYS A 40 21.53 8.08 -6.59
CA LYS A 40 21.57 6.64 -6.36
C LYS A 40 20.45 5.94 -7.12
N TYR A 41 19.26 6.57 -7.18
CA TYR A 41 18.16 5.96 -7.93
C TYR A 41 18.48 5.84 -9.41
N GLU A 42 19.11 6.87 -10.00
CA GLU A 42 19.42 6.86 -11.43
C GLU A 42 20.56 5.89 -11.74
N GLU A 43 21.54 5.80 -10.86
CA GLU A 43 22.73 5.01 -11.16
C GLU A 43 22.52 3.53 -10.93
N GLU A 44 21.68 3.15 -9.97
CA GLU A 44 21.64 1.77 -9.49
C GLU A 44 20.34 1.04 -9.78
N ASN A 45 19.32 1.75 -10.26
CA ASN A 45 18.03 1.16 -10.60
C ASN A 45 17.46 0.26 -9.49
N PRO A 46 17.18 0.81 -8.32
CA PRO A 46 16.56 -0.01 -7.28
C PRO A 46 15.19 -0.46 -7.74
N ASP A 47 14.77 -1.61 -7.21
CA ASP A 47 13.45 -2.14 -7.52
C ASP A 47 12.38 -1.53 -6.65
N LEU A 48 12.77 -0.84 -5.58
CA LEU A 48 11.83 -0.24 -4.65
C LEU A 48 12.61 0.79 -3.84
N ILE A 49 11.93 1.89 -3.51
CA ILE A 49 12.56 2.94 -2.71
C ILE A 49 11.78 3.06 -1.42
N ILE A 50 12.47 2.97 -0.29
CA ILE A 50 11.93 3.36 1.01
C ILE A 50 12.43 4.77 1.29
N LEU A 51 11.51 5.71 1.45
CA LEU A 51 11.79 7.14 1.29
C LEU A 51 11.27 7.93 2.49
N ASP A 52 12.18 8.43 3.33
CA ASP A 52 11.77 9.31 4.41
C ASP A 52 11.28 10.65 3.84
N LEU A 53 10.28 11.24 4.50
CA LEU A 53 9.71 12.50 4.03
C LEU A 53 10.64 13.68 4.34
N MET A 54 11.27 13.71 5.52
CA MET A 54 12.12 14.81 5.96
C MET A 54 13.57 14.41 5.69
N LEU A 55 14.08 14.94 4.59
CA LEU A 55 15.48 14.73 4.18
C LEU A 55 16.19 16.06 4.05
N PRO A 56 17.53 16.08 4.16
CA PRO A 56 18.35 17.24 3.73
C PRO A 56 18.08 17.69 2.32
N GLU A 57 18.55 18.90 1.99
CA GLU A 57 18.60 19.29 0.56
C GLU A 57 17.21 19.26 -0.07
N LEU A 58 16.71 18.07 -0.37
CA LEU A 58 15.42 17.84 -0.99
C LEU A 58 14.60 16.91 -0.12
N ASP A 59 13.34 17.28 0.14
CA ASP A 59 12.52 16.44 0.99
C ASP A 59 11.93 15.30 0.18
N GLY A 60 11.24 14.38 0.87
CA GLY A 60 10.79 13.17 0.24
C GLY A 60 9.75 13.41 -0.85
N LEU A 61 8.89 14.41 -0.67
CA LEU A 61 7.93 14.73 -1.71
C LEU A 61 8.64 15.11 -2.99
N GLU A 62 9.67 15.98 -2.88
CA GLU A 62 10.44 16.40 -4.05
C GLU A 62 11.14 15.21 -4.70
N VAL A 63 11.75 14.35 -3.90
CA VAL A 63 12.40 13.15 -4.45
C VAL A 63 11.39 12.30 -5.23
N ALA A 64 10.26 11.98 -4.59
CA ALA A 64 9.21 11.20 -5.22
C ALA A 64 8.76 11.79 -6.55
N LYS A 65 8.63 13.12 -6.63
CA LYS A 65 8.22 13.77 -7.87
C LYS A 65 9.24 13.55 -8.97
N GLU A 66 10.53 13.75 -8.67
CA GLU A 66 11.57 13.56 -9.67
C GLU A 66 11.59 12.12 -10.17
N VAL A 67 11.53 11.14 -9.25
CA VAL A 67 11.46 9.74 -9.66
C VAL A 67 10.31 9.53 -10.63
N ARG A 68 9.12 10.04 -10.27
CA ARG A 68 7.93 9.85 -11.11
C ARG A 68 8.03 10.56 -12.44
N LYS A 69 8.97 11.49 -12.60
CA LYS A 69 9.20 12.01 -13.95
C LYS A 69 9.50 10.86 -14.91
N ASN A 70 10.20 9.83 -14.44
CA ASN A 70 10.77 8.82 -15.32
C ASN A 70 10.40 7.38 -15.00
N SER A 71 9.88 7.06 -13.82
CA SER A 71 9.66 5.64 -13.55
C SER A 71 8.49 5.43 -12.60
N HIS A 72 8.01 4.18 -12.60
CA HIS A 72 6.94 3.71 -11.74
C HIS A 72 7.46 2.82 -10.62
N VAL A 73 8.77 2.81 -10.37
CA VAL A 73 9.38 2.01 -9.31
C VAL A 73 8.57 2.27 -8.04
N PRO A 74 8.21 1.22 -7.28
CA PRO A 74 7.37 1.45 -6.10
C PRO A 74 8.08 2.30 -5.06
N ILE A 75 7.31 3.14 -4.39
CA ILE A 75 7.86 4.02 -3.36
C ILE A 75 7.03 3.84 -2.11
N ILE A 76 7.68 3.47 -1.01
CA ILE A 76 7.06 3.44 0.29
C ILE A 76 7.62 4.61 1.06
N MET A 77 6.75 5.56 1.39
CA MET A 77 7.19 6.72 2.15
C MET A 77 7.13 6.43 3.64
N LEU A 78 8.15 6.90 4.35
CA LEU A 78 8.19 6.87 5.80
C LEU A 78 8.08 8.29 6.34
N SER A 79 7.38 8.47 7.45
CA SER A 79 7.20 9.81 7.97
C SER A 79 6.94 9.80 9.47
N ALA A 80 7.59 10.72 10.18
CA ALA A 80 7.14 11.05 11.53
C ALA A 80 5.85 11.85 11.52
N LYS A 81 5.53 12.51 10.41
CA LYS A 81 4.28 13.25 10.29
C LYS A 81 3.16 12.26 9.96
N ASP A 82 2.35 11.96 10.96
CA ASP A 82 1.20 11.06 10.81
C ASP A 82 -0.09 11.86 10.77
N SER A 83 -0.12 12.90 9.97
CA SER A 83 -1.37 13.57 9.69
C SER A 83 -2.05 12.92 8.50
N GLU A 84 -3.38 12.99 8.50
CA GLU A 84 -4.15 12.51 7.35
C GLU A 84 -3.73 13.27 6.09
N PHE A 85 -3.56 14.58 6.22
CA PHE A 85 -3.14 15.43 5.11
C PHE A 85 -1.84 14.93 4.49
N ASP A 86 -0.84 14.68 5.32
CA ASP A 86 0.45 14.27 4.80
C ASP A 86 0.39 12.93 4.09
N LYS A 87 -0.42 11.99 4.61
CA LYS A 87 -0.56 10.69 3.93
C LYS A 87 -1.19 10.86 2.55
N VAL A 88 -2.27 11.64 2.46
CA VAL A 88 -2.91 11.88 1.16
C VAL A 88 -1.93 12.56 0.21
N ILE A 89 -1.20 13.57 0.69
CA ILE A 89 -0.30 14.30 -0.20
C ILE A 89 0.79 13.38 -0.73
N GLY A 90 1.38 12.57 0.15
CA GLY A 90 2.37 11.60 -0.29
C GLY A 90 1.82 10.65 -1.36
N LEU A 91 0.66 10.06 -1.11
CA LEU A 91 0.10 9.11 -2.07
C LEU A 91 -0.22 9.79 -3.41
N GLU A 92 -0.82 10.99 -3.37
CA GLU A 92 -1.21 11.68 -4.59
C GLU A 92 0.00 12.13 -5.40
N ILE A 93 1.10 12.48 -4.72
CA ILE A 93 2.35 12.81 -5.40
C ILE A 93 2.85 11.62 -6.20
N GLY A 94 2.64 10.40 -5.70
CA GLY A 94 3.08 9.21 -6.41
C GLY A 94 3.65 8.14 -5.49
N ALA A 95 3.58 8.36 -4.19
CA ALA A 95 3.90 7.28 -3.27
C ALA A 95 2.94 6.12 -3.50
N ASP A 96 3.47 4.90 -3.49
CA ASP A 96 2.63 3.73 -3.53
C ASP A 96 2.16 3.33 -2.16
N ASP A 97 2.84 3.81 -1.12
CA ASP A 97 2.42 3.48 0.23
C ASP A 97 2.98 4.56 1.14
N TYR A 98 2.44 4.64 2.33
CA TYR A 98 2.85 5.65 3.29
C TYR A 98 2.77 5.02 4.67
N VAL A 99 3.91 4.97 5.34
CA VAL A 99 4.06 4.31 6.63
C VAL A 99 4.61 5.34 7.60
N THR A 100 3.99 5.44 8.77
CA THR A 100 4.49 6.37 9.78
C THR A 100 5.48 5.69 10.68
N LYS A 101 6.46 6.47 11.16
CA LYS A 101 7.38 6.12 12.23
C LYS A 101 6.79 6.53 13.58
N PRO A 102 6.95 5.74 14.64
CA PRO A 102 7.65 4.45 14.70
C PRO A 102 6.85 3.42 13.91
N PHE A 103 7.52 2.45 13.30
CA PHE A 103 6.88 1.44 12.47
C PHE A 103 7.34 0.07 12.92
N SER A 104 6.63 -0.95 12.46
CA SER A 104 7.01 -2.32 12.72
C SER A 104 7.88 -2.82 11.56
N ASN A 105 9.02 -3.41 11.91
CA ASN A 105 9.95 -3.91 10.89
C ASN A 105 9.29 -5.01 10.06
N ARG A 106 8.59 -5.94 10.71
CA ARG A 106 7.92 -6.99 9.95
C ARG A 106 6.85 -6.42 9.03
N GLU A 107 6.06 -5.46 9.51
CA GLU A 107 5.04 -4.85 8.66
C GLU A 107 5.66 -4.18 7.44
N LEU A 108 6.74 -3.43 7.64
CA LEU A 108 7.40 -2.81 6.50
C LEU A 108 7.93 -3.87 5.55
N LEU A 109 8.58 -4.90 6.09
CA LEU A 109 9.06 -6.02 5.26
C LEU A 109 7.94 -6.61 4.41
N ALA A 110 6.80 -6.92 5.03
CA ALA A 110 5.68 -7.45 4.27
C ALA A 110 5.14 -6.42 3.26
N ARG A 111 5.21 -5.12 3.58
CA ARG A 111 4.79 -4.13 2.60
C ARG A 111 5.77 -4.08 1.42
N VAL A 112 7.06 -4.24 1.72
CA VAL A 112 8.06 -4.33 0.65
C VAL A 112 7.76 -5.52 -0.25
N LYS A 113 7.57 -6.70 0.35
CA LYS A 113 7.18 -7.90 -0.37
C LYS A 113 5.91 -7.68 -1.19
N ALA A 114 4.87 -7.10 -0.56
CA ALA A 114 3.61 -6.88 -1.27
C ALA A 114 3.78 -5.99 -2.50
N HIS A 115 4.56 -4.91 -2.39
CA HIS A 115 4.72 -4.02 -3.53
C HIS A 115 5.68 -4.57 -4.58
N LEU A 116 6.70 -5.34 -4.17
CA LEU A 116 7.53 -6.00 -5.17
C LEU A 116 6.75 -7.06 -5.92
N ARG A 117 5.80 -7.72 -5.24
CA ARG A 117 5.05 -8.78 -5.87
C ARG A 117 4.06 -8.22 -6.90
N ARG A 118 3.60 -6.99 -6.69
CA ARG A 118 2.75 -6.34 -7.69
C ARG A 118 3.53 -6.03 -8.95
N THR A 119 4.76 -5.51 -8.80
CA THR A 119 5.61 -5.21 -9.94
C THR A 119 5.74 -6.42 -10.87
N GLU A 120 5.87 -7.61 -10.30
CA GLU A 120 5.91 -8.82 -11.12
C GLU A 120 4.63 -8.96 -11.95
N ASN A 121 3.48 -8.76 -11.31
CA ASN A 121 2.20 -9.19 -11.84
C ASN A 121 1.80 -8.45 -13.12
N MET B 1 -15.37 3.70 -16.56
CA MET B 1 -14.87 4.06 -15.23
C MET B 1 -14.48 2.81 -14.43
N LYS B 2 -13.88 3.02 -13.26
CA LYS B 2 -13.36 1.94 -12.44
C LYS B 2 -14.41 1.48 -11.45
N LYS B 3 -14.47 0.17 -11.22
CA LYS B 3 -15.48 -0.44 -10.36
C LYS B 3 -14.81 -0.96 -9.09
N ILE B 4 -15.30 -0.51 -7.94
CA ILE B 4 -14.78 -0.92 -6.65
C ILE B 4 -15.79 -1.83 -5.96
N LEU B 5 -15.32 -3.03 -5.56
CA LEU B 5 -16.11 -3.96 -4.78
C LEU B 5 -15.84 -3.70 -3.30
N ILE B 6 -16.89 -3.38 -2.56
CA ILE B 6 -16.80 -2.98 -1.16
C ILE B 6 -17.44 -4.09 -0.35
N VAL B 7 -16.65 -4.83 0.41
CA VAL B 7 -17.18 -5.96 1.17
C VAL B 7 -16.93 -5.72 2.65
N ASP B 8 -18.03 -5.48 3.37
CA ASP B 8 -18.07 -5.19 4.81
C ASP B 8 -19.46 -5.59 5.29
N ASP B 9 -19.51 -6.37 6.36
CA ASP B 9 -20.83 -6.78 6.87
C ASP B 9 -21.61 -5.59 7.43
N GLU B 10 -20.94 -4.53 7.87
CA GLU B 10 -21.58 -3.41 8.55
C GLU B 10 -22.00 -2.37 7.52
N LYS B 11 -23.31 -2.26 7.30
CA LYS B 11 -23.79 -1.37 6.24
C LYS B 11 -23.44 0.10 6.46
N PRO B 12 -23.46 0.67 7.68
CA PRO B 12 -23.04 2.08 7.83
C PRO B 12 -21.63 2.35 7.33
N ILE B 13 -20.69 1.45 7.65
CA ILE B 13 -19.33 1.56 7.12
C ILE B 13 -19.35 1.45 5.60
N SER B 14 -20.06 0.45 5.08
CA SER B 14 -20.15 0.26 3.63
C SER B 14 -20.73 1.48 2.93
N ASP B 15 -21.76 2.09 3.53
CA ASP B 15 -22.39 3.25 2.92
C ASP B 15 -21.41 4.43 2.84
N ILE B 16 -20.56 4.62 3.86
CA ILE B 16 -19.65 5.77 3.82
C ILE B 16 -18.59 5.57 2.75
N ILE B 17 -18.13 4.34 2.56
CA ILE B 17 -17.17 4.07 1.51
C ILE B 17 -17.83 4.18 0.14
N LYS B 18 -19.04 3.61 0.00
CA LYS B 18 -19.78 3.73 -1.25
C LYS B 18 -19.96 5.19 -1.62
N PHE B 19 -20.43 6.00 -0.66
CA PHE B 19 -20.68 7.42 -0.88
C PHE B 19 -19.40 8.13 -1.34
N ASN B 20 -18.30 7.94 -0.61
CA ASN B 20 -17.09 8.66 -0.96
C ASN B 20 -16.51 8.19 -2.29
N LEU B 21 -16.58 6.89 -2.58
CA LEU B 21 -16.08 6.43 -3.87
C LEU B 21 -16.95 6.91 -5.01
N ALA B 22 -18.28 6.90 -4.84
CA ALA B 22 -19.17 7.38 -5.89
C ALA B 22 -18.94 8.87 -6.17
N LYS B 23 -18.72 9.65 -5.11
CA LYS B 23 -18.40 11.07 -5.26
C LYS B 23 -17.14 11.28 -6.09
N GLU B 24 -16.19 10.34 -6.03
CA GLU B 24 -14.95 10.46 -6.77
C GLU B 24 -15.02 9.90 -8.17
N GLY B 25 -16.20 9.54 -8.65
CA GLY B 25 -16.37 9.02 -10.00
C GLY B 25 -16.22 7.52 -10.17
N TYR B 26 -16.14 6.76 -9.07
CA TYR B 26 -16.04 5.32 -9.15
C TYR B 26 -17.42 4.68 -9.21
N ASP B 27 -17.53 3.60 -9.98
CA ASP B 27 -18.64 2.68 -9.82
C ASP B 27 -18.41 1.79 -8.61
N THR B 28 -19.50 1.41 -7.93
CA THR B 28 -19.37 0.67 -6.68
C THR B 28 -20.35 -0.48 -6.64
N ILE B 29 -19.87 -1.65 -6.23
CA ILE B 29 -20.74 -2.78 -5.92
C ILE B 29 -20.38 -3.26 -4.52
N THR B 30 -21.36 -3.88 -3.88
CA THR B 30 -21.24 -4.21 -2.46
C THR B 30 -21.49 -5.69 -2.22
N ALA B 31 -20.83 -6.20 -1.20
CA ALA B 31 -21.14 -7.51 -0.65
C ALA B 31 -21.03 -7.39 0.85
N PHE B 32 -21.74 -8.26 1.56
CA PHE B 32 -21.80 -8.20 3.00
C PHE B 32 -21.35 -9.48 3.69
N ASP B 33 -20.93 -10.48 2.94
CA ASP B 33 -20.24 -11.63 3.54
C ASP B 33 -19.27 -12.18 2.51
N GLY B 34 -18.43 -13.11 2.97
CA GLY B 34 -17.36 -13.60 2.12
C GLY B 34 -17.84 -14.32 0.87
N ARG B 35 -18.88 -15.16 1.02
CA ARG B 35 -19.43 -15.88 -0.14
C ARG B 35 -19.98 -14.91 -1.17
N GLU B 36 -20.78 -13.94 -0.73
CA GLU B 36 -21.34 -12.96 -1.66
C GLU B 36 -20.23 -12.15 -2.33
N ALA B 37 -19.14 -11.89 -1.60
CA ALA B 37 -17.99 -11.21 -2.18
C ALA B 37 -17.42 -11.99 -3.35
N LEU B 38 -17.21 -13.30 -3.16
CA LEU B 38 -16.58 -14.09 -4.21
C LEU B 38 -17.47 -14.19 -5.44
N SER B 39 -18.79 -14.28 -5.26
CA SER B 39 -19.66 -14.37 -6.43
C SER B 39 -19.70 -13.02 -7.16
N LYS B 40 -19.78 -11.91 -6.42
CA LYS B 40 -19.75 -10.61 -7.08
C LYS B 40 -18.41 -10.36 -7.74
N TYR B 41 -17.31 -10.74 -7.06
CA TYR B 41 -15.99 -10.58 -7.67
C TYR B 41 -15.90 -11.35 -8.98
N GLU B 42 -16.45 -12.57 -9.02
CA GLU B 42 -16.41 -13.37 -10.23
C GLU B 42 -17.27 -12.77 -11.33
N GLU B 43 -18.51 -12.41 -11.02
CA GLU B 43 -19.46 -12.07 -12.07
C GLU B 43 -19.31 -10.62 -12.52
N GLU B 44 -18.80 -9.73 -11.66
CA GLU B 44 -18.78 -8.31 -11.99
C GLU B 44 -17.38 -7.78 -12.25
N ASN B 45 -16.34 -8.55 -11.94
CA ASN B 45 -14.98 -8.22 -12.31
C ASN B 45 -14.53 -6.84 -11.81
N PRO B 46 -14.52 -6.58 -10.50
CA PRO B 46 -14.11 -5.25 -10.04
C PRO B 46 -12.63 -5.00 -10.32
N ASP B 47 -12.30 -3.71 -10.42
CA ASP B 47 -10.91 -3.30 -10.60
C ASP B 47 -10.17 -3.23 -9.28
N LEU B 48 -10.89 -3.15 -8.16
CA LEU B 48 -10.28 -3.15 -6.85
C LEU B 48 -11.32 -3.66 -5.84
N ILE B 49 -10.83 -4.38 -4.83
CA ILE B 49 -11.67 -4.87 -3.76
C ILE B 49 -11.25 -4.21 -2.45
N ILE B 50 -12.22 -3.63 -1.74
CA ILE B 50 -12.04 -3.21 -0.36
C ILE B 50 -12.70 -4.27 0.51
N LEU B 51 -11.89 -4.93 1.34
CA LEU B 51 -12.21 -6.24 1.90
C LEU B 51 -12.11 -6.22 3.42
N ASP B 52 -13.25 -6.23 4.10
CA ASP B 52 -13.24 -6.32 5.56
C ASP B 52 -12.69 -7.67 6.00
N LEU B 53 -11.92 -7.66 7.08
CA LEU B 53 -11.39 -8.91 7.63
C LEU B 53 -12.50 -9.71 8.34
N MET B 54 -13.27 -9.06 9.19
CA MET B 54 -14.33 -9.71 9.98
C MET B 54 -15.58 -9.91 9.14
N LEU B 55 -15.60 -10.99 8.38
CA LEU B 55 -16.77 -11.26 7.58
C LEU B 55 -17.49 -12.52 8.06
N PRO B 56 -18.81 -12.54 7.95
CA PRO B 56 -19.54 -13.80 8.13
C PRO B 56 -19.40 -14.64 6.86
N GLU B 57 -19.77 -15.92 7.00
CA GLU B 57 -19.68 -16.95 5.96
C GLU B 57 -18.24 -17.39 5.71
N LEU B 58 -17.41 -16.50 5.20
CA LEU B 58 -15.96 -16.73 5.19
C LEU B 58 -15.27 -15.38 5.39
N ASP B 59 -14.19 -15.39 6.15
CA ASP B 59 -13.54 -14.14 6.52
C ASP B 59 -12.70 -13.62 5.36
N GLY B 60 -12.18 -12.40 5.55
CA GLY B 60 -11.49 -11.71 4.48
C GLY B 60 -10.20 -12.38 4.02
N LEU B 61 -9.49 -13.05 4.93
CA LEU B 61 -8.32 -13.82 4.51
C LEU B 61 -8.72 -14.92 3.54
N GLU B 62 -9.84 -15.60 3.82
CA GLU B 62 -10.28 -16.66 2.91
C GLU B 62 -10.72 -16.07 1.57
N VAL B 63 -11.49 -14.98 1.59
CA VAL B 63 -11.88 -14.31 0.35
C VAL B 63 -10.64 -13.96 -0.47
N ALA B 64 -9.67 -13.30 0.19
CA ALA B 64 -8.42 -12.93 -0.46
C ALA B 64 -7.71 -14.14 -1.05
N LYS B 65 -7.62 -15.24 -0.26
CA LYS B 65 -7.03 -16.49 -0.74
C LYS B 65 -7.71 -16.98 -2.01
N GLU B 66 -9.05 -17.05 -1.98
CA GLU B 66 -9.80 -17.50 -3.16
C GLU B 66 -9.53 -16.62 -4.36
N VAL B 67 -9.72 -15.29 -4.19
CA VAL B 67 -9.50 -14.34 -5.27
C VAL B 67 -8.12 -14.53 -5.90
N ARG B 68 -7.09 -14.66 -5.05
CA ARG B 68 -5.71 -14.76 -5.53
C ARG B 68 -5.44 -16.04 -6.32
N LYS B 69 -6.30 -17.06 -6.21
CA LYS B 69 -6.15 -18.24 -7.05
C LYS B 69 -6.11 -17.85 -8.53
N ASN B 70 -6.84 -16.78 -8.90
CA ASN B 70 -7.10 -16.47 -10.29
C ASN B 70 -6.78 -15.04 -10.71
N SER B 71 -6.66 -14.08 -9.79
CA SER B 71 -6.47 -12.70 -10.23
C SER B 71 -5.51 -11.96 -9.33
N HIS B 72 -4.83 -10.98 -9.93
CA HIS B 72 -3.98 -10.04 -9.21
C HIS B 72 -4.71 -8.74 -8.88
N VAL B 73 -6.04 -8.71 -9.00
CA VAL B 73 -6.85 -7.52 -8.73
C VAL B 73 -6.44 -6.97 -7.37
N PRO B 74 -6.20 -5.66 -7.24
CA PRO B 74 -5.75 -5.12 -5.95
C PRO B 74 -6.79 -5.32 -4.87
N ILE B 75 -6.31 -5.67 -3.68
CA ILE B 75 -7.15 -5.86 -2.49
C ILE B 75 -6.63 -4.92 -1.42
N ILE B 76 -7.49 -4.04 -0.94
CA ILE B 76 -7.22 -3.25 0.24
C ILE B 76 -8.04 -3.85 1.37
N MET B 77 -7.35 -4.45 2.35
CA MET B 77 -8.01 -5.03 3.50
C MET B 77 -8.27 -3.98 4.56
N LEU B 78 -9.45 -4.06 5.15
CA LEU B 78 -9.86 -3.25 6.28
C LEU B 78 -9.97 -4.14 7.50
N SER B 79 -9.59 -3.62 8.67
CA SER B 79 -9.62 -4.44 9.87
C SER B 79 -9.74 -3.57 11.10
N ALA B 80 -10.54 -4.05 12.07
CA ALA B 80 -10.46 -3.49 13.40
C ALA B 80 -9.28 -4.05 14.19
N LYS B 81 -8.71 -5.18 13.78
CA LYS B 81 -7.55 -5.75 14.44
C LYS B 81 -6.31 -4.91 14.11
N ASP B 82 -5.92 -4.05 15.06
CA ASP B 82 -4.74 -3.18 14.93
C ASP B 82 -3.52 -3.86 15.52
N SER B 83 -3.22 -5.07 15.05
CA SER B 83 -2.05 -5.81 15.51
C SER B 83 -1.04 -5.95 14.39
N GLU B 84 0.24 -5.89 14.74
CA GLU B 84 1.29 -6.13 13.76
C GLU B 84 1.12 -7.50 13.09
N PHE B 85 0.71 -8.51 13.87
CA PHE B 85 0.53 -9.85 13.34
C PHE B 85 -0.49 -9.87 12.22
N ASP B 86 -1.68 -9.36 12.49
CA ASP B 86 -2.75 -9.43 11.50
C ASP B 86 -2.44 -8.61 10.25
N LYS B 87 -1.69 -7.52 10.40
CA LYS B 87 -1.30 -6.75 9.21
C LYS B 87 -0.39 -7.57 8.31
N VAL B 88 0.59 -8.29 8.89
CA VAL B 88 1.53 -9.06 8.08
C VAL B 88 0.85 -10.26 7.44
N ILE B 89 -0.02 -10.96 8.18
CA ILE B 89 -0.75 -12.09 7.61
C ILE B 89 -1.54 -11.65 6.39
N GLY B 90 -2.33 -10.58 6.53
CA GLY B 90 -3.12 -10.11 5.40
C GLY B 90 -2.25 -9.84 4.18
N LEU B 91 -1.15 -9.10 4.37
CA LEU B 91 -0.24 -8.82 3.27
C LEU B 91 0.34 -10.10 2.66
N GLU B 92 0.78 -11.04 3.51
CA GLU B 92 1.39 -12.28 3.00
C GLU B 92 0.40 -13.12 2.20
N ILE B 93 -0.83 -13.25 2.68
CA ILE B 93 -1.86 -13.99 1.94
C ILE B 93 -2.08 -13.40 0.55
N GLY B 94 -1.88 -12.09 0.40
CA GLY B 94 -2.03 -11.47 -0.91
C GLY B 94 -2.71 -10.12 -0.92
N ALA B 95 -3.04 -9.59 0.25
CA ALA B 95 -3.54 -8.22 0.31
C ALA B 95 -2.48 -7.28 -0.22
N ASP B 96 -2.92 -6.28 -0.98
CA ASP B 96 -1.98 -5.26 -1.45
C ASP B 96 -1.80 -4.15 -0.45
N ASP B 97 -2.76 -3.99 0.46
CA ASP B 97 -2.67 -2.95 1.47
C ASP B 97 -3.49 -3.44 2.66
N TYR B 98 -3.28 -2.81 3.80
CA TYR B 98 -4.00 -3.17 5.01
C TYR B 98 -4.20 -1.91 5.82
N VAL B 99 -5.46 -1.57 6.07
CA VAL B 99 -5.84 -0.31 6.71
C VAL B 99 -6.71 -0.65 7.91
N THR B 100 -6.37 -0.08 9.06
CA THR B 100 -7.13 -0.35 10.26
C THR B 100 -8.33 0.59 10.40
N LYS B 101 -9.39 0.09 11.01
CA LYS B 101 -10.56 0.80 11.44
C LYS B 101 -10.36 1.35 12.84
N PRO B 102 -10.79 2.59 13.09
CA PRO B 102 -11.42 3.51 12.14
C PRO B 102 -10.37 4.08 11.19
N PHE B 103 -10.79 4.54 10.02
CA PHE B 103 -9.88 5.01 8.99
C PHE B 103 -10.32 6.37 8.52
N SER B 104 -9.39 7.09 7.89
CA SER B 104 -9.72 8.31 7.20
C SER B 104 -10.20 7.99 5.80
N ASN B 105 -11.28 8.67 5.39
CA ASN B 105 -11.88 8.40 4.10
C ASN B 105 -11.05 8.96 2.96
N ARG B 106 -10.47 10.14 3.15
CA ARG B 106 -9.59 10.66 2.11
C ARG B 106 -8.37 9.78 1.96
N GLU B 107 -7.80 9.30 3.07
CA GLU B 107 -6.67 8.39 3.01
C GLU B 107 -7.02 7.11 2.26
N LEU B 108 -8.16 6.49 2.60
CA LEU B 108 -8.56 5.28 1.87
C LEU B 108 -8.72 5.58 0.39
N LEU B 109 -9.41 6.68 0.09
CA LEU B 109 -9.56 7.14 -1.29
C LEU B 109 -8.20 7.28 -1.96
N ALA B 110 -7.28 7.99 -1.31
CA ALA B 110 -5.94 8.16 -1.86
C ALA B 110 -5.26 6.81 -2.11
N ARG B 111 -5.50 5.84 -1.21
CA ARG B 111 -4.92 4.51 -1.39
C ARG B 111 -5.59 3.77 -2.52
N VAL B 112 -6.90 3.99 -2.69
CA VAL B 112 -7.61 3.40 -3.81
C VAL B 112 -7.03 3.91 -5.11
N LYS B 113 -6.89 5.23 -5.23
CA LYS B 113 -6.25 5.83 -6.40
C LYS B 113 -4.86 5.26 -6.61
N ALA B 114 -4.05 5.23 -5.55
CA ALA B 114 -2.66 4.76 -5.70
C ALA B 114 -2.59 3.32 -6.20
N HIS B 115 -3.48 2.44 -5.74
CA HIS B 115 -3.40 1.05 -6.21
C HIS B 115 -4.01 0.87 -7.60
N LEU B 116 -5.02 1.66 -7.96
CA LEU B 116 -5.51 1.59 -9.34
C LEU B 116 -4.46 2.15 -10.29
N ARG B 117 -3.75 3.20 -9.85
CA ARG B 117 -2.75 3.85 -10.70
C ARG B 117 -1.61 2.90 -11.02
N ARG B 118 -1.29 2.00 -10.08
CA ARG B 118 -0.26 1.00 -10.32
C ARG B 118 -0.68 0.02 -11.41
N THR B 119 -1.96 -0.37 -11.42
CA THR B 119 -2.45 -1.29 -12.44
C THR B 119 -2.31 -0.70 -13.83
N GLU B 120 -2.51 0.61 -13.96
CA GLU B 120 -2.41 1.27 -15.25
C GLU B 120 -0.97 1.34 -15.74
N ASN B 121 0.02 1.12 -14.88
CA ASN B 121 1.42 1.24 -15.27
C ASN B 121 1.98 -0.08 -15.78
#